data_7DCW
#
_entry.id   7DCW
#
_cell.length_a   119.084
_cell.length_b   119.084
_cell.length_c   39.773
_cell.angle_alpha   90.000
_cell.angle_beta   90.000
_cell.angle_gamma   120.000
#
_symmetry.space_group_name_H-M   'P 61'
#
loop_
_entity.id
_entity.type
_entity.pdbx_description
1 polymer 'Guanosine deaminase'
2 non-polymer 'ZINC ION'
3 non-polymer ADENOSINE
4 water water
#
_entity_poly.entity_id   1
_entity_poly.type   'polypeptide(L)'
_entity_poly.pdbx_seq_one_letter_code
;GPHMSDHKFLTQAVEEAYKGVDCGDGGPFGAVIVHNNEVVASCHNMVLKYTDPTAHAEVTAIREACKKLNKIELSECEIY
ASCEPCPMCFGAIHLSRLKRLVYGAKAEAAIAIGFDDFIADALRGTGVYQKSSLEIKKADGNGAAIAEQVFQNTKEKFRL
Y
;
_entity_poly.pdbx_strand_id   A,D
#
loop_
_chem_comp.id
_chem_comp.type
_chem_comp.name
_chem_comp.formula
ADN non-polymer ADENOSINE 'C10 H13 N5 O4'
ZN non-polymer 'ZINC ION' 'Zn 2'
#
# COMPACT_ATOMS: atom_id res chain seq x y z
N SER A 5 6.08 13.96 23.77
CA SER A 5 6.40 14.31 22.39
C SER A 5 5.36 13.76 21.42
N ASP A 6 4.60 12.76 21.86
CA ASP A 6 3.61 12.13 21.00
C ASP A 6 2.50 13.10 20.60
N HIS A 7 2.02 13.90 21.55
CA HIS A 7 0.92 14.81 21.25
C HIS A 7 1.31 15.85 20.21
N LYS A 8 2.54 16.34 20.28
CA LYS A 8 3.00 17.34 19.31
C LYS A 8 2.94 16.80 17.89
N PHE A 9 3.49 15.61 17.66
CA PHE A 9 3.55 15.07 16.30
C PHE A 9 2.18 14.59 15.83
N LEU A 10 1.37 14.03 16.73
CA LEU A 10 0.00 13.69 16.33
C LEU A 10 -0.78 14.94 15.93
N THR A 11 -0.59 16.04 16.66
CA THR A 11 -1.24 17.29 16.31
C THR A 11 -0.74 17.81 14.96
N GLN A 12 0.55 17.61 14.68
CA GLN A 12 1.07 18.01 13.37
C GLN A 12 0.45 17.18 12.25
N ALA A 13 0.23 15.88 12.48
CA ALA A 13 -0.45 15.06 11.48
C ALA A 13 -1.88 15.53 11.25
N VAL A 14 -2.59 15.86 12.33
CA VAL A 14 -3.95 16.38 12.21
C VAL A 14 -3.94 17.71 11.44
N GLU A 15 -2.98 18.58 11.74
CA GLU A 15 -2.84 19.83 11.01
C GLU A 15 -2.63 19.56 9.52
N GLU A 16 -1.80 18.58 9.18
CA GLU A 16 -1.61 18.21 7.79
C GLU A 16 -2.92 17.79 7.15
N ALA A 17 -3.74 17.03 7.89
CA ALA A 17 -5.06 16.65 7.38
C ALA A 17 -5.88 17.88 7.02
N TYR A 18 -5.89 18.87 7.92
CA TYR A 18 -6.64 20.10 7.67
C TYR A 18 -6.10 20.85 6.44
N LYS A 19 -4.77 20.96 6.33
CA LYS A 19 -4.18 21.66 5.19
C LYS A 19 -4.52 20.95 3.88
N GLY A 20 -4.36 19.64 3.84
CA GLY A 20 -4.64 18.89 2.62
C GLY A 20 -6.08 19.04 2.19
N VAL A 21 -7.01 19.05 3.14
CA VAL A 21 -8.40 19.33 2.79
C VAL A 21 -8.55 20.75 2.26
N ASP A 22 -7.91 21.72 2.92
CA ASP A 22 -8.13 23.12 2.57
C ASP A 22 -7.66 23.44 1.16
N CYS A 23 -6.52 22.88 0.76
CA CYS A 23 -6.00 23.17 -0.58
C CYS A 23 -6.41 22.13 -1.62
N GLY A 24 -7.29 21.20 -1.26
CA GLY A 24 -7.85 20.27 -2.24
C GLY A 24 -6.94 19.14 -2.67
N ASP A 25 -5.88 18.85 -1.91
CA ASP A 25 -4.98 17.77 -2.28
C ASP A 25 -5.64 16.40 -2.14
N GLY A 26 -6.45 16.23 -1.11
CA GLY A 26 -7.10 14.95 -0.87
C GLY A 26 -8.03 15.00 0.33
N GLY A 27 -8.23 13.86 0.99
CA GLY A 27 -9.10 13.78 2.13
C GLY A 27 -8.41 14.21 3.41
N PRO A 28 -9.19 14.24 4.49
CA PRO A 28 -8.72 14.75 5.80
C PRO A 28 -7.85 13.74 6.54
N PHE A 29 -6.62 13.57 6.05
CA PHE A 29 -5.71 12.62 6.66
C PHE A 29 -4.29 13.15 6.59
N GLY A 30 -3.55 13.03 7.70
CA GLY A 30 -2.17 13.45 7.75
C GLY A 30 -1.28 12.37 8.34
N ALA A 31 0.02 12.55 8.15
CA ALA A 31 1.01 11.61 8.66
C ALA A 31 2.33 12.34 8.83
N VAL A 32 3.01 12.05 9.94
CA VAL A 32 4.30 12.66 10.27
C VAL A 32 5.25 11.55 10.68
N ILE A 33 6.39 11.46 10.00
CA ILE A 33 7.43 10.51 10.37
C ILE A 33 8.58 11.29 11.00
N VAL A 34 9.02 10.83 12.17
CA VAL A 34 10.07 11.49 12.94
C VAL A 34 11.18 10.50 13.26
N HIS A 35 12.40 11.02 13.36
CA HIS A 35 13.57 10.28 13.77
C HIS A 35 14.01 10.84 15.12
N ASN A 36 13.76 10.08 16.18
CA ASN A 36 13.89 10.57 17.55
C ASN A 36 12.97 11.76 17.77
N ASN A 37 13.42 12.97 17.46
CA ASN A 37 12.55 14.13 17.60
C ASN A 37 12.77 15.15 16.48
N GLU A 38 13.26 14.69 15.34
CA GLU A 38 13.35 15.51 14.14
C GLU A 38 12.36 14.98 13.11
N VAL A 39 11.48 15.85 12.64
CA VAL A 39 10.53 15.47 11.60
C VAL A 39 11.28 15.18 10.31
N VAL A 40 11.18 13.94 9.83
CA VAL A 40 11.77 13.62 8.53
C VAL A 40 10.73 13.67 7.42
N ALA A 41 9.44 13.52 7.74
CA ALA A 41 8.42 13.68 6.72
C ALA A 41 7.13 14.22 7.34
N SER A 42 6.45 15.09 6.60
CA SER A 42 5.19 15.69 7.02
C SER A 42 4.28 15.81 5.81
N CYS A 43 3.21 15.00 5.78
CA CYS A 43 2.42 14.84 4.57
C CYS A 43 0.95 14.70 4.92
N HIS A 44 0.12 14.82 3.88
CA HIS A 44 -1.30 14.53 3.97
C HIS A 44 -1.70 13.74 2.72
N ASN A 45 -2.98 13.33 2.69
CA ASN A 45 -3.48 12.57 1.55
C ASN A 45 -3.36 13.38 0.27
N MET A 46 -2.85 12.74 -0.79
CA MET A 46 -2.59 13.39 -2.07
C MET A 46 -3.29 12.68 -3.23
N VAL A 47 -4.38 11.95 -2.95
CA VAL A 47 -5.01 11.14 -3.99
C VAL A 47 -5.54 12.03 -5.12
N LEU A 48 -6.19 13.14 -4.77
CA LEU A 48 -6.75 14.01 -5.81
C LEU A 48 -5.67 14.80 -6.52
N LYS A 49 -4.66 15.28 -5.79
CA LYS A 49 -3.58 16.02 -6.41
C LYS A 49 -2.78 15.15 -7.37
N TYR A 50 -2.52 13.90 -6.99
CA TYR A 50 -1.65 13.02 -7.76
C TYR A 50 -2.41 12.13 -8.73
N THR A 51 -3.74 12.05 -8.64
CA THR A 51 -4.51 11.03 -9.34
C THR A 51 -3.93 9.65 -9.05
N ASP A 52 -3.76 9.38 -7.76
CA ASP A 52 -3.09 8.18 -7.27
C ASP A 52 -3.85 7.68 -6.04
N PRO A 53 -4.64 6.61 -6.19
CA PRO A 53 -5.39 6.10 -5.03
C PRO A 53 -4.50 5.54 -3.93
N THR A 54 -3.23 5.22 -4.23
CA THR A 54 -2.30 4.78 -3.20
C THR A 54 -1.71 5.94 -2.41
N ALA A 55 -1.93 7.18 -2.85
CA ALA A 55 -1.32 8.33 -2.21
C ALA A 55 -2.03 8.71 -0.92
N HIS A 56 -2.28 7.74 -0.04
CA HIS A 56 -2.74 8.06 1.29
C HIS A 56 -1.65 8.83 2.03
N ALA A 57 -2.03 9.42 3.16
CA ALA A 57 -1.09 10.23 3.93
C ALA A 57 0.10 9.40 4.40
N GLU A 58 -0.18 8.19 4.92
CA GLU A 58 0.88 7.36 5.47
C GLU A 58 1.84 6.90 4.38
N VAL A 59 1.32 6.46 3.24
CA VAL A 59 2.18 6.03 2.13
C VAL A 59 3.01 7.20 1.63
N THR A 60 2.39 8.37 1.50
CA THR A 60 3.12 9.56 1.05
C THR A 60 4.26 9.90 2.00
N ALA A 61 3.97 9.88 3.31
CA ALA A 61 5.01 10.19 4.29
C ALA A 61 6.13 9.15 4.25
N ILE A 62 5.78 7.89 4.05
CA ILE A 62 6.80 6.85 3.97
C ILE A 62 7.72 7.10 2.79
N ARG A 63 7.13 7.39 1.62
CA ARG A 63 7.94 7.64 0.43
C ARG A 63 8.84 8.86 0.61
N GLU A 64 8.30 9.93 1.20
CA GLU A 64 9.10 11.15 1.36
C GLU A 64 10.21 10.96 2.41
N ALA A 65 9.92 10.22 3.49
CA ALA A 65 10.95 9.96 4.48
C ALA A 65 12.06 9.08 3.90
N CYS A 66 11.69 8.07 3.12
CA CYS A 66 12.69 7.22 2.49
C CYS A 66 13.53 8.00 1.50
N LYS A 67 12.94 8.98 0.81
CA LYS A 67 13.74 9.84 -0.07
C LYS A 67 14.68 10.74 0.74
N LYS A 68 14.21 11.26 1.88
CA LYS A 68 15.05 12.17 2.67
C LYS A 68 16.23 11.44 3.28
N LEU A 69 16.04 10.19 3.69
CA LEU A 69 17.12 9.43 4.32
C LEU A 69 17.91 8.57 3.34
N ASN A 70 17.51 8.52 2.07
CA ASN A 70 18.22 7.77 1.03
C ASN A 70 18.31 6.28 1.36
N LYS A 71 17.24 5.72 1.90
CA LYS A 71 17.20 4.29 2.16
C LYS A 71 15.76 3.82 2.21
N ILE A 72 15.57 2.51 2.05
CA ILE A 72 14.24 1.93 1.94
C ILE A 72 13.71 1.41 3.27
N GLU A 73 14.50 1.48 4.34
CA GLU A 73 14.06 1.03 5.66
C GLU A 73 14.15 2.20 6.63
N LEU A 74 13.17 2.28 7.53
CA LEU A 74 13.05 3.39 8.49
C LEU A 74 13.02 2.86 9.92
N SER A 75 13.85 1.85 10.21
CA SER A 75 13.77 1.13 11.47
C SER A 75 14.08 2.01 12.68
N GLU A 76 14.72 3.15 12.47
CA GLU A 76 15.00 4.08 13.56
C GLU A 76 13.97 5.19 13.69
N CYS A 77 12.88 5.12 12.92
CA CYS A 77 11.89 6.18 12.83
C CYS A 77 10.54 5.71 13.34
N GLU A 78 9.69 6.68 13.68
CA GLU A 78 8.33 6.41 14.12
C GLU A 78 7.36 7.22 13.27
N ILE A 79 6.13 6.72 13.15
CA ILE A 79 5.10 7.36 12.33
C ILE A 79 3.90 7.71 13.19
N TYR A 80 3.36 8.91 12.96
CA TYR A 80 2.15 9.40 13.58
C TYR A 80 1.11 9.57 12.48
N ALA A 81 -0.02 8.88 12.61
CA ALA A 81 -1.10 8.94 11.63
C ALA A 81 -2.32 9.56 12.29
N SER A 82 -2.94 10.53 11.60
CA SER A 82 -4.14 11.15 12.15
C SER A 82 -5.27 10.15 12.30
N CYS A 83 -5.30 9.11 11.45
CA CYS A 83 -6.31 8.07 11.46
C CYS A 83 -5.64 6.71 11.43
N GLU A 84 -6.28 5.74 12.09
CA GLU A 84 -5.90 4.33 12.06
C GLU A 84 -5.55 3.89 10.64
N PRO A 85 -4.32 3.48 10.38
CA PRO A 85 -3.91 3.17 9.01
C PRO A 85 -4.68 2.01 8.41
N CYS A 86 -4.96 2.10 7.12
CA CYS A 86 -5.75 1.13 6.40
C CYS A 86 -4.92 -0.13 6.14
N PRO A 87 -5.51 -1.18 5.55
CA PRO A 87 -4.70 -2.35 5.19
C PRO A 87 -3.52 -2.03 4.29
N MET A 88 -3.73 -1.20 3.27
CA MET A 88 -2.60 -0.79 2.42
C MET A 88 -1.57 -0.03 3.23
N CYS A 89 -2.02 0.93 4.05
CA CYS A 89 -1.06 1.76 4.77
C CYS A 89 -0.35 0.96 5.86
N PHE A 90 -1.07 0.10 6.58
CA PHE A 90 -0.40 -0.72 7.58
C PHE A 90 0.58 -1.69 6.94
N GLY A 91 0.23 -2.25 5.78
CA GLY A 91 1.19 -3.07 5.06
C GLY A 91 2.43 -2.30 4.62
N ALA A 92 2.24 -1.06 4.16
CA ALA A 92 3.39 -0.23 3.81
C ALA A 92 4.24 0.07 5.03
N ILE A 93 3.60 0.30 6.19
CA ILE A 93 4.34 0.54 7.42
C ILE A 93 5.15 -0.69 7.82
N HIS A 94 4.58 -1.88 7.60
CA HIS A 94 5.33 -3.11 7.84
C HIS A 94 6.54 -3.20 6.92
N LEU A 95 6.35 -2.97 5.62
CA LEU A 95 7.46 -3.08 4.68
C LEU A 95 8.54 -2.05 4.97
N SER A 96 8.16 -0.84 5.38
CA SER A 96 9.13 0.21 5.66
C SER A 96 9.89 -0.05 6.95
N ARG A 97 9.41 -0.96 7.79
CA ARG A 97 10.06 -1.37 9.04
C ARG A 97 10.12 -0.25 10.07
N LEU A 98 9.21 0.71 10.01
CA LEU A 98 9.06 1.69 11.08
C LEU A 98 8.87 0.98 12.40
N LYS A 99 9.51 1.50 13.45
CA LYS A 99 9.53 0.81 14.73
C LYS A 99 8.34 1.15 15.62
N ARG A 100 7.59 2.20 15.32
CA ARG A 100 6.47 2.58 16.17
C ARG A 100 5.43 3.34 15.36
N LEU A 101 4.17 3.06 15.66
CA LEU A 101 3.02 3.73 15.07
C LEU A 101 2.18 4.31 16.20
N VAL A 102 1.92 5.61 16.13
CA VAL A 102 0.94 6.26 17.00
C VAL A 102 -0.17 6.79 16.10
N TYR A 103 -1.41 6.41 16.37
CA TYR A 103 -2.49 6.91 15.55
C TYR A 103 -3.56 7.58 16.39
N GLY A 104 -4.28 8.51 15.76
CA GLY A 104 -5.18 9.39 16.49
C GLY A 104 -6.59 8.88 16.66
N ALA A 105 -7.32 8.72 15.55
CA ALA A 105 -8.73 8.36 15.60
C ALA A 105 -8.92 6.93 15.10
N LYS A 106 -9.86 6.21 15.73
CA LYS A 106 -10.26 4.92 15.22
C LYS A 106 -10.86 5.07 13.83
N ALA A 107 -10.76 3.99 13.04
CA ALA A 107 -11.28 4.01 11.68
C ALA A 107 -12.76 4.31 11.63
N GLU A 108 -13.50 3.93 12.70
CA GLU A 108 -14.94 4.15 12.73
C GLU A 108 -15.29 5.63 12.62
N ALA A 109 -14.39 6.51 13.07
CA ALA A 109 -14.64 7.94 12.94
C ALA A 109 -14.65 8.37 11.49
N ALA A 110 -13.78 7.78 10.66
CA ALA A 110 -13.78 8.08 9.24
C ALA A 110 -14.92 7.37 8.52
N ILE A 111 -15.29 6.17 8.97
CA ILE A 111 -16.45 5.49 8.39
C ILE A 111 -17.72 6.28 8.65
N ALA A 112 -17.80 6.93 9.81
CA ALA A 112 -19.02 7.67 10.18
C ALA A 112 -19.29 8.86 9.27
N ILE A 113 -18.28 9.40 8.59
CA ILE A 113 -18.48 10.55 7.73
C ILE A 113 -18.41 10.18 6.25
N GLY A 114 -18.44 8.89 5.92
CA GLY A 114 -18.63 8.45 4.55
C GLY A 114 -17.46 7.72 3.91
N PHE A 115 -16.38 7.44 4.64
CA PHE A 115 -15.31 6.66 4.06
C PHE A 115 -15.62 5.17 4.22
N ASP A 116 -14.98 4.36 3.36
CA ASP A 116 -15.28 2.93 3.30
C ASP A 116 -14.87 2.22 4.59
N ASP A 117 -15.54 1.10 4.85
CA ASP A 117 -15.16 0.20 5.94
C ASP A 117 -13.99 -0.65 5.45
N PHE A 118 -12.78 -0.25 5.85
CA PHE A 118 -11.53 -0.75 5.27
C PHE A 118 -10.50 -0.74 6.40
N ILE A 119 -10.53 -1.78 7.22
CA ILE A 119 -9.82 -1.83 8.50
C ILE A 119 -8.75 -2.91 8.45
N ALA A 120 -7.61 -2.63 9.08
CA ALA A 120 -6.46 -3.53 9.06
C ALA A 120 -6.58 -4.51 10.23
N ASP A 121 -6.79 -5.79 9.90
CA ASP A 121 -6.82 -6.83 10.92
C ASP A 121 -5.52 -6.88 11.71
N ALA A 122 -4.39 -6.80 11.00
CA ALA A 122 -3.09 -6.91 11.64
C ALA A 122 -2.86 -5.79 12.65
N LEU A 123 -3.44 -4.62 12.42
CA LEU A 123 -3.32 -3.53 13.39
C LEU A 123 -4.13 -3.83 14.65
N ARG A 124 -5.36 -4.34 14.48
CA ARG A 124 -6.22 -4.65 15.62
C ARG A 124 -5.92 -5.99 16.26
N GLY A 125 -4.95 -6.74 15.73
CA GLY A 125 -4.57 -8.00 16.32
C GLY A 125 -5.43 -9.19 15.96
N THR A 126 -6.20 -9.10 14.87
CA THR A 126 -7.04 -10.20 14.42
C THR A 126 -6.53 -10.81 13.11
N GLY A 127 -5.26 -10.59 12.78
CA GLY A 127 -4.72 -11.17 11.57
C GLY A 127 -4.28 -12.61 11.75
N VAL A 128 -4.39 -13.38 10.69
CA VAL A 128 -3.94 -14.76 10.67
C VAL A 128 -2.63 -14.92 9.90
N TYR A 129 -2.60 -14.41 8.67
CA TYR A 129 -1.42 -14.51 7.83
C TYR A 129 -0.48 -13.32 7.98
N GLN A 130 -0.99 -12.17 8.41
CA GLN A 130 -0.20 -10.98 8.61
C GLN A 130 -0.04 -10.74 10.10
N LYS A 131 1.20 -10.83 10.58
CA LYS A 131 1.54 -10.55 11.97
C LYS A 131 2.57 -9.44 11.98
N SER A 132 2.27 -8.36 12.71
CA SER A 132 3.14 -7.20 12.76
C SER A 132 3.99 -7.23 14.03
N SER A 133 5.15 -6.60 13.95
CA SER A 133 6.06 -6.50 15.08
C SER A 133 5.98 -5.18 15.81
N LEU A 134 5.63 -4.10 15.10
CA LEU A 134 5.88 -2.75 15.61
C LEU A 134 4.98 -2.40 16.78
N GLU A 135 5.50 -1.54 17.65
CA GLU A 135 4.73 -0.99 18.75
C GLU A 135 3.63 -0.09 18.21
N ILE A 136 2.42 -0.25 18.74
CA ILE A 136 1.25 0.49 18.27
C ILE A 136 0.60 1.16 19.48
N LYS A 137 0.34 2.46 19.36
CA LYS A 137 -0.34 3.21 20.41
C LYS A 137 -1.50 3.98 19.81
N LYS A 138 -2.70 3.69 20.34
CA LYS A 138 -3.91 4.46 20.06
C LYS A 138 -3.96 5.62 21.04
N ALA A 139 -3.96 6.85 20.51
CA ALA A 139 -3.98 8.02 21.37
C ALA A 139 -5.30 8.08 22.15
N ASP A 140 -5.26 8.79 23.28
CA ASP A 140 -6.44 9.00 24.11
C ASP A 140 -6.50 10.47 24.51
N GLY A 141 -7.57 10.81 25.22
CA GLY A 141 -7.71 12.17 25.74
C GLY A 141 -7.72 13.21 24.65
N ASN A 142 -6.81 14.18 24.75
CA ASN A 142 -6.86 15.34 23.87
C ASN A 142 -6.47 14.98 22.44
N GLY A 143 -5.45 14.13 22.28
CA GLY A 143 -5.07 13.72 20.94
C GLY A 143 -6.19 12.98 20.22
N ALA A 144 -6.87 12.09 20.94
CA ALA A 144 -8.01 11.40 20.36
C ALA A 144 -9.13 12.37 20.02
N ALA A 145 -9.42 13.32 20.92
CA ALA A 145 -10.45 14.30 20.64
C ALA A 145 -10.15 15.10 19.38
N ILE A 146 -8.89 15.54 19.24
CA ILE A 146 -8.48 16.32 18.07
C ILE A 146 -8.63 15.49 16.80
N ALA A 147 -8.06 14.27 16.81
CA ALA A 147 -8.10 13.42 15.63
C ALA A 147 -9.54 13.09 15.23
N GLU A 148 -10.40 12.81 16.20
CA GLU A 148 -11.80 12.54 15.88
C GLU A 148 -12.51 13.77 15.37
N GLN A 149 -12.22 14.94 15.95
CA GLN A 149 -12.86 16.17 15.53
C GLN A 149 -12.56 16.49 14.07
N VAL A 150 -11.40 16.07 13.58
CA VAL A 150 -11.03 16.26 12.17
C VAL A 150 -12.21 15.97 11.24
N PHE A 151 -12.92 14.88 11.49
CA PHE A 151 -13.93 14.42 10.53
C PHE A 151 -15.22 15.22 10.62
N GLN A 152 -15.63 15.62 11.83
CA GLN A 152 -16.78 16.51 11.96
C GLN A 152 -16.49 17.89 11.38
N ASN A 153 -15.23 18.35 11.50
CA ASN A 153 -14.90 19.71 11.09
C ASN A 153 -14.80 19.85 9.58
N THR A 154 -14.45 18.79 8.87
CA THR A 154 -14.21 18.84 7.44
C THR A 154 -15.24 18.08 6.63
N LYS A 155 -16.36 17.66 7.24
CA LYS A 155 -17.11 16.53 6.70
C LYS A 155 -17.62 16.78 5.28
N GLU A 156 -17.91 18.02 4.92
CA GLU A 156 -18.32 18.30 3.55
C GLU A 156 -17.55 19.48 2.97
N LYS A 157 -16.22 19.47 3.12
CA LYS A 157 -15.34 20.44 2.50
C LYS A 157 -14.38 19.81 1.51
N PHE A 158 -14.56 18.52 1.19
CA PHE A 158 -13.69 17.82 0.25
C PHE A 158 -14.54 16.85 -0.56
N ARG A 159 -13.96 16.38 -1.66
CA ARG A 159 -14.61 15.40 -2.53
C ARG A 159 -14.21 13.99 -2.09
N LEU A 160 -15.21 13.17 -1.75
CA LEU A 160 -14.93 11.82 -1.27
C LEU A 160 -14.35 10.94 -2.38
N TYR A 161 -13.54 9.98 -1.96
CA TYR A 161 -12.84 9.09 -2.89
C TYR A 161 -12.64 7.73 -2.25
N SER B 5 -7.11 -15.14 -22.85
CA SER B 5 -6.37 -13.88 -22.77
C SER B 5 -5.63 -13.76 -21.44
N ASP B 6 -6.05 -14.55 -20.44
CA ASP B 6 -5.38 -14.52 -19.14
C ASP B 6 -3.92 -14.96 -19.26
N HIS B 7 -3.66 -15.98 -20.08
CA HIS B 7 -2.31 -16.49 -20.24
C HIS B 7 -1.37 -15.42 -20.80
N LYS B 8 -1.84 -14.66 -21.79
CA LYS B 8 -0.99 -13.65 -22.41
C LYS B 8 -0.52 -12.61 -21.41
N PHE B 9 -1.43 -12.10 -20.59
CA PHE B 9 -1.07 -11.01 -19.68
C PHE B 9 -0.34 -11.52 -18.45
N LEU B 10 -0.66 -12.72 -17.96
CA LEU B 10 0.17 -13.31 -16.91
C LEU B 10 1.59 -13.53 -17.41
N THR B 11 1.73 -14.03 -18.64
CA THR B 11 3.03 -14.16 -19.28
C THR B 11 3.76 -12.83 -19.29
N GLN B 12 3.07 -11.76 -19.69
CA GLN B 12 3.71 -10.44 -19.75
C GLN B 12 4.17 -9.99 -18.36
N ALA B 13 3.37 -10.28 -17.33
CA ALA B 13 3.77 -9.92 -15.97
C ALA B 13 5.02 -10.69 -15.53
N VAL B 14 5.10 -11.97 -15.88
CA VAL B 14 6.28 -12.77 -15.52
C VAL B 14 7.52 -12.23 -16.23
N GLU B 15 7.37 -11.90 -17.52
CA GLU B 15 8.49 -11.32 -18.24
C GLU B 15 8.90 -9.96 -17.66
N GLU B 16 7.93 -9.18 -17.17
CA GLU B 16 8.26 -7.95 -16.48
C GLU B 16 9.07 -8.22 -15.22
N ALA B 17 8.72 -9.28 -14.49
CA ALA B 17 9.50 -9.65 -13.31
C ALA B 17 10.96 -9.93 -13.68
N TYR B 18 11.15 -10.77 -14.71
CA TYR B 18 12.51 -11.08 -15.16
C TYR B 18 13.26 -9.82 -15.59
N LYS B 19 12.60 -8.96 -16.37
CA LYS B 19 13.25 -7.75 -16.87
C LYS B 19 13.65 -6.83 -15.72
N GLY B 20 12.76 -6.65 -14.75
CA GLY B 20 13.05 -5.79 -13.63
C GLY B 20 14.22 -6.30 -12.80
N VAL B 21 14.27 -7.61 -12.56
CA VAL B 21 15.38 -8.10 -11.76
C VAL B 21 16.68 -8.04 -12.56
N ASP B 22 16.61 -8.16 -13.89
CA ASP B 22 17.83 -8.10 -14.68
C ASP B 22 18.39 -6.69 -14.77
N CYS B 23 17.52 -5.68 -14.84
CA CYS B 23 18.03 -4.31 -14.87
C CYS B 23 18.25 -3.74 -13.47
N GLY B 24 18.09 -4.56 -12.43
CA GLY B 24 18.39 -4.12 -11.08
C GLY B 24 17.40 -3.14 -10.49
N ASP B 25 16.21 -3.04 -11.09
CA ASP B 25 15.22 -2.08 -10.58
C ASP B 25 14.66 -2.52 -9.24
N GLY B 26 14.49 -3.82 -9.05
CA GLY B 26 13.94 -4.37 -7.82
C GLY B 26 13.88 -5.88 -7.87
N GLY B 27 12.95 -6.46 -7.11
CA GLY B 27 12.82 -7.90 -7.05
C GLY B 27 12.09 -8.46 -8.25
N PRO B 28 12.05 -9.80 -8.32
CA PRO B 28 11.42 -10.52 -9.46
C PRO B 28 9.90 -10.52 -9.37
N PHE B 29 9.31 -9.36 -9.60
CA PHE B 29 7.86 -9.21 -9.51
C PHE B 29 7.38 -8.29 -10.63
N GLY B 30 6.27 -8.66 -11.26
CA GLY B 30 5.73 -7.89 -12.35
C GLY B 30 4.22 -7.75 -12.22
N ALA B 31 3.69 -6.73 -12.89
CA ALA B 31 2.26 -6.46 -12.86
C ALA B 31 1.84 -5.75 -14.14
N VAL B 32 0.72 -6.20 -14.70
CA VAL B 32 0.17 -5.66 -15.93
C VAL B 32 -1.29 -5.27 -15.67
N ILE B 33 -1.63 -4.02 -15.97
CA ILE B 33 -3.00 -3.53 -15.84
C ILE B 33 -3.56 -3.35 -17.25
N VAL B 34 -4.74 -3.92 -17.48
CA VAL B 34 -5.33 -4.07 -18.81
C VAL B 34 -6.76 -3.53 -18.78
N HIS B 35 -7.16 -2.88 -19.88
CA HIS B 35 -8.49 -2.28 -20.02
C HIS B 35 -9.14 -2.85 -21.27
N ASN B 36 -9.97 -3.87 -21.08
CA ASN B 36 -10.65 -4.56 -22.18
C ASN B 36 -9.65 -5.00 -23.25
N ASN B 37 -8.63 -5.71 -22.80
CA ASN B 37 -7.55 -6.27 -23.62
C ASN B 37 -6.64 -5.20 -24.22
N GLU B 38 -6.67 -3.98 -23.68
CA GLU B 38 -5.69 -2.95 -24.00
C GLU B 38 -4.79 -2.77 -22.79
N VAL B 39 -3.48 -2.94 -22.98
CA VAL B 39 -2.54 -2.81 -21.89
C VAL B 39 -2.44 -1.34 -21.49
N VAL B 40 -2.87 -1.03 -20.28
CA VAL B 40 -2.77 0.33 -19.76
C VAL B 40 -1.44 0.54 -19.06
N ALA B 41 -0.95 -0.45 -18.32
CA ALA B 41 0.32 -0.31 -17.63
C ALA B 41 1.04 -1.65 -17.59
N SER B 42 2.37 -1.60 -17.69
CA SER B 42 3.21 -2.80 -17.61
C SER B 42 4.45 -2.44 -16.79
N CYS B 43 4.57 -3.03 -15.61
CA CYS B 43 5.56 -2.55 -14.65
C CYS B 43 6.16 -3.72 -13.90
N HIS B 44 7.25 -3.44 -13.19
CA HIS B 44 7.86 -4.40 -12.27
C HIS B 44 8.21 -3.68 -10.98
N ASN B 45 8.76 -4.44 -10.03
CA ASN B 45 9.15 -3.88 -8.75
C ASN B 45 10.24 -2.81 -8.94
N MET B 46 10.05 -1.65 -8.30
CA MET B 46 10.96 -0.53 -8.45
C MET B 46 11.53 -0.06 -7.12
N VAL B 47 11.51 -0.93 -6.11
CA VAL B 47 11.93 -0.53 -4.76
C VAL B 47 13.37 -0.03 -4.76
N LEU B 48 14.25 -0.73 -5.49
CA LEU B 48 15.66 -0.33 -5.50
C LEU B 48 15.88 0.90 -6.37
N LYS B 49 15.24 0.94 -7.54
CA LYS B 49 15.43 2.07 -8.45
C LYS B 49 14.87 3.36 -7.86
N TYR B 50 13.76 3.28 -7.13
CA TYR B 50 13.09 4.45 -6.60
C TYR B 50 13.46 4.77 -5.15
N THR B 51 14.18 3.88 -4.47
CA THR B 51 14.39 3.98 -3.03
C THR B 51 13.03 4.16 -2.33
N ASP B 52 12.13 3.24 -2.63
CA ASP B 52 10.74 3.32 -2.19
C ASP B 52 10.24 1.91 -1.85
N PRO B 53 10.06 1.58 -0.58
CA PRO B 53 9.61 0.23 -0.22
C PRO B 53 8.17 -0.05 -0.60
N THR B 54 7.38 0.96 -0.96
CA THR B 54 6.02 0.76 -1.43
C THR B 54 5.92 0.52 -2.92
N ALA B 55 7.04 0.66 -3.65
CA ALA B 55 7.01 0.55 -5.11
C ALA B 55 7.04 -0.90 -5.56
N HIS B 56 6.19 -1.74 -4.99
CA HIS B 56 6.00 -3.07 -5.53
C HIS B 56 5.45 -2.97 -6.96
N ALA B 57 5.49 -4.10 -7.68
CA ALA B 57 5.05 -4.10 -9.07
C ALA B 57 3.59 -3.67 -9.19
N GLU B 58 2.73 -4.20 -8.30
CA GLU B 58 1.30 -3.90 -8.39
C GLU B 58 1.02 -2.43 -8.09
N VAL B 59 1.66 -1.89 -7.06
CA VAL B 59 1.45 -0.48 -6.71
C VAL B 59 1.96 0.42 -7.83
N THR B 60 3.13 0.10 -8.38
CA THR B 60 3.67 0.88 -9.49
C THR B 60 2.73 0.85 -10.70
N ALA B 61 2.20 -0.33 -11.01
CA ALA B 61 1.26 -0.46 -12.12
C ALA B 61 0.00 0.36 -11.87
N ILE B 62 -0.49 0.36 -10.63
CA ILE B 62 -1.68 1.15 -10.31
C ILE B 62 -1.41 2.63 -10.49
N ARG B 63 -0.28 3.11 -9.97
CA ARG B 63 0.07 4.52 -10.10
C ARG B 63 0.15 4.92 -11.57
N GLU B 64 0.83 4.12 -12.39
CA GLU B 64 1.00 4.48 -13.80
C GLU B 64 -0.32 4.39 -14.57
N ALA B 65 -1.13 3.37 -14.29
CA ALA B 65 -2.42 3.24 -14.96
C ALA B 65 -3.34 4.41 -14.62
N CYS B 66 -3.40 4.78 -13.34
CA CYS B 66 -4.25 5.90 -12.93
C CYS B 66 -3.77 7.21 -13.54
N LYS B 67 -2.46 7.43 -13.58
CA LYS B 67 -1.94 8.64 -14.21
C LYS B 67 -2.26 8.66 -15.70
N LYS B 68 -2.16 7.50 -16.36
CA LYS B 68 -2.39 7.44 -17.80
C LYS B 68 -3.86 7.68 -18.14
N LEU B 69 -4.77 7.07 -17.38
CA LEU B 69 -6.20 7.18 -17.65
C LEU B 69 -6.84 8.42 -17.03
N ASN B 70 -6.08 9.21 -16.28
CA ASN B 70 -6.57 10.46 -15.68
C ASN B 70 -7.74 10.22 -14.71
N LYS B 71 -7.73 9.10 -14.00
CA LYS B 71 -8.72 8.89 -12.96
C LYS B 71 -8.16 7.95 -11.90
N ILE B 72 -8.72 8.07 -10.68
CA ILE B 72 -8.21 7.32 -9.53
C ILE B 72 -8.86 5.96 -9.37
N GLU B 73 -9.91 5.65 -10.12
CA GLU B 73 -10.56 4.35 -10.07
C GLU B 73 -10.32 3.60 -11.38
N LEU B 74 -10.01 2.31 -11.26
CA LEU B 74 -9.75 1.45 -12.41
C LEU B 74 -10.83 0.38 -12.53
N SER B 75 -12.10 0.79 -12.43
CA SER B 75 -13.20 -0.16 -12.29
C SER B 75 -13.44 -1.01 -13.54
N GLU B 76 -13.01 -0.54 -14.71
CA GLU B 76 -13.12 -1.37 -15.91
C GLU B 76 -11.79 -2.01 -16.28
N CYS B 77 -10.85 -2.05 -15.35
CA CYS B 77 -9.52 -2.58 -15.60
C CYS B 77 -9.32 -3.87 -14.80
N GLU B 78 -8.34 -4.66 -15.22
CA GLU B 78 -7.96 -5.88 -14.51
C GLU B 78 -6.46 -5.86 -14.29
N ILE B 79 -6.01 -6.53 -13.23
CA ILE B 79 -4.60 -6.56 -12.88
C ILE B 79 -4.09 -8.00 -12.88
N TYR B 80 -2.97 -8.22 -13.55
CA TYR B 80 -2.27 -9.49 -13.58
C TYR B 80 -0.97 -9.32 -12.81
N ALA B 81 -0.81 -10.10 -11.75
CA ALA B 81 0.37 -10.05 -10.90
C ALA B 81 1.14 -11.37 -11.05
N SER B 82 2.46 -11.27 -11.21
CA SER B 82 3.27 -12.48 -11.27
C SER B 82 3.26 -13.23 -9.94
N CYS B 83 3.02 -12.52 -8.84
CA CYS B 83 2.98 -13.12 -7.52
C CYS B 83 1.75 -12.65 -6.77
N GLU B 84 1.18 -13.55 -5.97
CA GLU B 84 0.08 -13.25 -5.07
C GLU B 84 0.35 -11.97 -4.31
N PRO B 85 -0.49 -10.94 -4.44
CA PRO B 85 -0.19 -9.64 -3.84
C PRO B 85 -0.11 -9.70 -2.32
N CYS B 86 0.78 -8.89 -1.77
CA CYS B 86 0.99 -8.79 -0.33
C CYS B 86 -0.12 -7.94 0.28
N PRO B 87 -0.17 -7.84 1.62
CA PRO B 87 -1.21 -7.00 2.25
C PRO B 87 -1.27 -5.58 1.72
N MET B 88 -0.10 -4.93 1.57
CA MET B 88 -0.09 -3.57 1.04
C MET B 88 -0.64 -3.54 -0.38
N CYS B 89 -0.17 -4.44 -1.24
CA CYS B 89 -0.59 -4.43 -2.64
C CYS B 89 -2.05 -4.84 -2.80
N PHE B 90 -2.54 -5.76 -1.97
CA PHE B 90 -3.95 -6.09 -2.04
C PHE B 90 -4.81 -4.94 -1.56
N GLY B 91 -4.38 -4.23 -0.50
CA GLY B 91 -5.09 -3.03 -0.11
C GLY B 91 -5.10 -1.98 -1.21
N ALA B 92 -3.98 -1.85 -1.93
CA ALA B 92 -3.92 -0.91 -3.04
C ALA B 92 -4.86 -1.33 -4.16
N ILE B 93 -4.92 -2.63 -4.46
CA ILE B 93 -5.82 -3.12 -5.50
C ILE B 93 -7.26 -2.84 -5.11
N HIS B 94 -7.60 -3.03 -3.83
CA HIS B 94 -8.93 -2.71 -3.34
C HIS B 94 -9.23 -1.22 -3.52
N LEU B 95 -8.33 -0.35 -3.06
CA LEU B 95 -8.55 1.08 -3.14
C LEU B 95 -8.66 1.55 -4.59
N SER B 96 -7.99 0.85 -5.52
CA SER B 96 -8.01 1.24 -6.92
C SER B 96 -9.32 0.93 -7.62
N ARG B 97 -10.18 0.10 -7.02
CA ARG B 97 -11.45 -0.36 -7.59
C ARG B 97 -11.25 -1.24 -8.82
N LEU B 98 -10.05 -1.80 -9.01
CA LEU B 98 -9.85 -2.80 -10.06
C LEU B 98 -10.87 -3.92 -9.89
N LYS B 99 -11.45 -4.37 -11.00
CA LYS B 99 -12.56 -5.30 -10.92
C LYS B 99 -12.13 -6.76 -10.91
N ARG B 100 -10.91 -7.07 -11.37
CA ARG B 100 -10.46 -8.44 -11.39
C ARG B 100 -8.95 -8.50 -11.13
N LEU B 101 -8.55 -9.53 -10.39
CA LEU B 101 -7.14 -9.82 -10.13
C LEU B 101 -6.86 -11.25 -10.56
N VAL B 102 -5.87 -11.42 -11.43
CA VAL B 102 -5.31 -12.73 -11.75
C VAL B 102 -3.87 -12.73 -11.27
N TYR B 103 -3.49 -13.75 -10.51
CA TYR B 103 -2.11 -13.82 -10.03
C TYR B 103 -1.51 -15.19 -10.32
N GLY B 104 -0.19 -15.21 -10.48
CA GLY B 104 0.51 -16.38 -10.96
C GLY B 104 0.96 -17.37 -9.89
N ALA B 105 1.83 -16.92 -8.99
CA ALA B 105 2.46 -17.81 -8.02
C ALA B 105 1.90 -17.54 -6.62
N LYS B 106 1.82 -18.62 -5.83
CA LYS B 106 1.49 -18.48 -4.42
C LYS B 106 2.62 -17.75 -3.70
N ALA B 107 2.25 -16.99 -2.67
CA ALA B 107 3.25 -16.24 -1.90
C ALA B 107 4.35 -17.13 -1.36
N GLU B 108 4.03 -18.41 -1.14
CA GLU B 108 5.01 -19.33 -0.57
C GLU B 108 6.21 -19.53 -1.48
N ALA B 109 6.02 -19.42 -2.81
CA ALA B 109 7.15 -19.55 -3.72
C ALA B 109 8.14 -18.41 -3.54
N ALA B 110 7.65 -17.20 -3.28
CA ALA B 110 8.54 -16.08 -2.99
C ALA B 110 9.16 -16.21 -1.61
N ILE B 111 8.38 -16.66 -0.64
CA ILE B 111 8.88 -16.85 0.72
C ILE B 111 9.99 -17.90 0.73
N ALA B 112 9.92 -18.88 -0.16
CA ALA B 112 10.86 -20.00 -0.15
C ALA B 112 12.29 -19.55 -0.43
N ILE B 113 12.47 -18.44 -1.14
CA ILE B 113 13.81 -17.93 -1.43
C ILE B 113 14.22 -16.83 -0.46
N GLY B 114 13.45 -16.63 0.62
CA GLY B 114 13.87 -15.76 1.70
C GLY B 114 13.10 -14.47 1.84
N PHE B 115 12.07 -14.24 1.05
CA PHE B 115 11.26 -13.05 1.25
C PHE B 115 10.42 -13.19 2.52
N ASP B 116 10.00 -12.03 3.04
CA ASP B 116 9.31 -12.00 4.33
C ASP B 116 7.99 -12.77 4.27
N ASP B 117 7.61 -13.35 5.41
CA ASP B 117 6.35 -14.08 5.54
C ASP B 117 5.24 -13.05 5.75
N PHE B 118 4.69 -12.57 4.63
CA PHE B 118 3.88 -11.35 4.59
C PHE B 118 2.74 -11.59 3.61
N ILE B 119 1.62 -12.12 4.11
CA ILE B 119 0.53 -12.63 3.28
C ILE B 119 -0.76 -11.88 3.62
N ALA B 120 -1.56 -11.61 2.59
CA ALA B 120 -2.75 -10.78 2.71
C ALA B 120 -3.93 -11.62 3.19
N ASP B 121 -4.36 -11.38 4.43
CA ASP B 121 -5.52 -12.09 4.99
C ASP B 121 -6.75 -11.91 4.11
N ALA B 122 -7.01 -10.68 3.65
CA ALA B 122 -8.19 -10.42 2.85
C ALA B 122 -8.18 -11.20 1.55
N LEU B 123 -6.99 -11.47 0.98
CA LEU B 123 -6.93 -12.26 -0.24
C LEU B 123 -7.33 -13.70 0.03
N ARG B 124 -6.76 -14.31 1.08
CA ARG B 124 -7.07 -15.68 1.42
C ARG B 124 -8.38 -15.84 2.19
N GLY B 125 -9.06 -14.74 2.50
CA GLY B 125 -10.32 -14.79 3.21
C GLY B 125 -10.19 -15.20 4.66
N THR B 126 -9.17 -14.71 5.36
CA THR B 126 -8.89 -15.11 6.73
C THR B 126 -8.99 -13.95 7.70
N GLY B 127 -9.66 -12.86 7.32
CA GLY B 127 -9.74 -11.70 8.17
C GLY B 127 -11.02 -11.62 8.99
N VAL B 128 -10.98 -10.81 10.03
CA VAL B 128 -12.16 -10.46 10.81
C VAL B 128 -12.77 -9.15 10.35
N TYR B 129 -11.93 -8.13 10.13
CA TYR B 129 -12.36 -6.79 9.76
C TYR B 129 -12.31 -6.53 8.26
N GLN B 130 -11.26 -7.00 7.59
CA GLN B 130 -11.11 -6.76 6.15
C GLN B 130 -11.66 -7.95 5.38
N LYS B 131 -12.69 -7.71 4.58
CA LYS B 131 -13.27 -8.71 3.70
C LYS B 131 -13.25 -8.18 2.28
N SER B 132 -12.74 -8.99 1.35
CA SER B 132 -12.70 -8.61 -0.06
C SER B 132 -13.88 -9.21 -0.81
N SER B 133 -14.24 -8.58 -1.92
CA SER B 133 -15.27 -9.10 -2.80
C SER B 133 -14.88 -9.11 -4.27
N LEU B 134 -13.71 -8.58 -4.62
CA LEU B 134 -13.31 -8.53 -6.02
C LEU B 134 -12.98 -9.93 -6.54
N GLU B 135 -13.22 -10.11 -7.83
CA GLU B 135 -12.98 -11.40 -8.47
C GLU B 135 -11.49 -11.70 -8.48
N ILE B 136 -11.11 -12.83 -7.89
CA ILE B 136 -9.72 -13.25 -7.77
C ILE B 136 -9.56 -14.61 -8.43
N LYS B 137 -8.58 -14.73 -9.32
CA LYS B 137 -8.27 -15.99 -9.99
C LYS B 137 -6.79 -16.29 -9.79
N LYS B 138 -6.51 -17.42 -9.15
CA LYS B 138 -5.17 -17.99 -9.10
C LYS B 138 -4.98 -18.85 -10.35
N ALA B 139 -3.96 -18.52 -11.14
CA ALA B 139 -3.69 -19.28 -12.34
C ALA B 139 -3.29 -20.71 -11.99
N ASP B 140 -3.48 -21.62 -12.95
CA ASP B 140 -3.08 -23.01 -12.80
C ASP B 140 -2.33 -23.45 -14.06
N GLY B 141 -1.79 -24.66 -14.01
CA GLY B 141 -1.20 -25.26 -15.20
C GLY B 141 0.05 -24.53 -15.66
N ASN B 142 0.07 -24.23 -16.96
CA ASN B 142 1.28 -23.73 -17.62
C ASN B 142 1.79 -22.45 -16.96
N GLY B 143 0.98 -21.39 -17.02
CA GLY B 143 1.42 -20.11 -16.51
C GLY B 143 1.74 -20.14 -15.03
N ALA B 144 0.97 -20.91 -14.26
CA ALA B 144 1.25 -21.02 -12.84
C ALA B 144 2.63 -21.64 -12.60
N ALA B 145 2.96 -22.71 -13.33
CA ALA B 145 4.28 -23.33 -13.17
C ALA B 145 5.39 -22.33 -13.50
N ILE B 146 5.25 -21.60 -14.61
CA ILE B 146 6.28 -20.64 -14.99
C ILE B 146 6.43 -19.55 -13.92
N ALA B 147 5.30 -19.00 -13.48
CA ALA B 147 5.30 -17.94 -12.49
C ALA B 147 5.93 -18.42 -11.18
N GLU B 148 5.69 -19.67 -10.80
CA GLU B 148 6.29 -20.21 -9.59
C GLU B 148 7.80 -20.36 -9.77
N GLN B 149 8.25 -20.75 -10.96
CA GLN B 149 9.67 -21.02 -11.17
C GLN B 149 10.51 -19.75 -11.23
N VAL B 150 9.88 -18.60 -11.46
CA VAL B 150 10.61 -17.32 -11.49
C VAL B 150 11.58 -17.18 -10.30
N PHE B 151 11.14 -17.58 -9.10
CA PHE B 151 11.91 -17.27 -7.90
C PHE B 151 13.18 -18.11 -7.79
N GLN B 152 13.08 -19.41 -8.03
CA GLN B 152 14.30 -20.22 -8.12
C GLN B 152 15.19 -19.75 -9.26
N ASN B 153 14.61 -19.23 -10.34
CA ASN B 153 15.44 -18.83 -11.47
C ASN B 153 16.21 -17.55 -11.20
N THR B 154 15.69 -16.65 -10.37
CA THR B 154 16.31 -15.34 -10.16
C THR B 154 17.01 -15.19 -8.82
N LYS B 155 17.21 -16.28 -8.08
CA LYS B 155 17.62 -16.17 -6.67
C LYS B 155 18.94 -15.41 -6.52
N GLU B 156 19.91 -15.67 -7.40
CA GLU B 156 21.26 -15.12 -7.24
C GLU B 156 21.46 -13.82 -8.01
N LYS B 157 20.40 -13.25 -8.59
CA LYS B 157 20.54 -12.06 -9.43
C LYS B 157 20.20 -10.77 -8.70
N PHE B 158 19.76 -10.83 -7.44
CA PHE B 158 19.36 -9.64 -6.73
C PHE B 158 19.56 -9.84 -5.24
N ARG B 159 19.61 -8.72 -4.51
CA ARG B 159 19.71 -8.73 -3.06
C ARG B 159 18.33 -8.63 -2.43
N LEU B 160 18.08 -9.47 -1.44
CA LEU B 160 16.78 -9.46 -0.76
C LEU B 160 16.55 -8.12 -0.07
N TYR B 161 15.28 -7.72 -0.02
CA TYR B 161 14.90 -6.45 0.59
C TYR B 161 13.57 -6.59 1.33
ZN ZN C . -4.29 4.05 3.91
O5' ADN D . -9.34 4.31 7.58
C5' ADN D . -10.65 4.88 7.48
C4' ADN D . -11.05 5.09 6.04
O4' ADN D . -10.38 6.27 5.52
C3' ADN D . -10.71 3.94 5.09
O3' ADN D . -11.83 3.70 4.24
C2' ADN D . -9.56 4.51 4.25
O2' ADN D . -9.42 3.96 2.96
C1' ADN D . -9.95 5.98 4.21
N9 ADN D . -8.85 6.88 3.83
C8 ADN D . -8.84 7.59 2.69
N7 ADN D . -7.70 8.28 2.64
C5 ADN D . -7.00 7.99 3.75
C6 ADN D . -5.77 8.42 4.18
N6 ADN D . -4.82 9.34 3.60
N1 ADN D . -5.27 8.00 5.33
C2 ADN D . -5.98 7.12 6.08
N3 ADN D . -7.20 6.68 5.66
C4 ADN D . -7.71 7.12 4.49
ZN ZN E . 3.11 -5.99 -2.48
O5' ADN F . 4.52 -11.82 -1.35
C5' ADN F . 5.66 -12.59 -1.02
C4' ADN F . 6.77 -11.74 -0.48
O4' ADN F . 7.38 -10.96 -1.55
C3' ADN F . 6.37 -10.76 0.61
O3' ADN F . 7.31 -10.83 1.65
C2' ADN F . 6.50 -9.41 -0.07
O2' ADN F . 6.83 -8.32 0.78
C1' ADN F . 7.62 -9.66 -1.07
N9 ADN F . 7.71 -8.69 -2.17
C8 ADN F . 8.70 -7.80 -2.36
N7 ADN F . 8.44 -7.12 -3.47
C5 ADN F . 7.29 -7.58 -3.98
C6 ADN F . 6.58 -7.20 -5.11
N6 ADN F . 6.79 -6.21 -6.15
N1 ADN F . 5.45 -7.80 -5.42
C2 ADN F . 5.00 -8.78 -4.62
N3 ADN F . 5.69 -9.16 -3.50
C4 ADN F . 6.83 -8.55 -3.18
#